data_3TZ0
#
_entry.id   3TZ0
#
_cell.length_a   128.801
_cell.length_b   128.801
_cell.length_c   72.914
_cell.angle_alpha   90.00
_cell.angle_beta   90.00
_cell.angle_gamma   90.00
#
_symmetry.space_group_name_H-M   'P 42 21 2'
#
loop_
_entity.id
_entity.type
_entity.pdbx_description
1 polymer '[3-methyl-2-oxobutanoate dehydrogenase [lipoamide]] kinase, mitochondrial'
2 non-polymer '(2S)-2-chloro-4-methylpentanoic acid'
3 water water
#
_entity_poly.entity_id   1
_entity_poly.type   'polypeptide(L)'
_entity_poly.pdbx_seq_one_letter_code
;MILTSVLGSGPRSGSSLWPLLGSSLSLRVRSTSATDTHHVELARERSKTVTSFYNQSAIDVVAEKPSVRLTPTMMLYSGR
SQDGSHLLKSGRYLQQELPVRIAHRIKGFRSLPFIIGCNPTILHVHELYIRAFQKLTDFPPIKDQADEAQYCQLVRQLLD
DHKDVVTLLAEGLRESRKHIEDEKLVRYFLDKTLTSRLGIRMLATHHLALHEDKPDFVGIICTRLSPKKIIEKWVDFARR
LCEHKYGNAPRVRINGHVAARFPFIPMPLDYILPELLKNAMRATMESHLDTPYNVPDVVITIANNDVDLIIRISDRGGGI
AHKDLDRVMDYHFTTAEASTQDPRISPLFGHLDMHSGGQSGPMHGFGFGLPTSRAYAEYLGGSLQLQSLQGIGTDVYLRL
RHIDGREESFRIHHHHHH
;
_entity_poly.pdbx_strand_id   A
#
loop_
_chem_comp.id
_chem_comp.type
_chem_comp.name
_chem_comp.formula
03H non-polymer '(2S)-2-chloro-4-methylpentanoic acid' 'C6 H11 Cl O2'
#
# COMPACT_ATOMS: atom_id res chain seq x y z
N VAL A 68 -20.30 0.52 7.73
CA VAL A 68 -20.79 -0.46 6.77
C VAL A 68 -20.07 -0.30 5.43
N ARG A 69 -19.01 -1.09 5.24
CA ARG A 69 -18.26 -1.12 3.98
C ARG A 69 -17.02 -1.99 4.16
N LEU A 70 -16.50 -2.54 3.06
CA LEU A 70 -15.49 -3.59 3.24
C LEU A 70 -14.28 -3.69 2.30
N THR A 71 -13.16 -4.07 2.91
CA THR A 71 -11.99 -4.59 2.21
C THR A 71 -12.19 -6.12 2.23
N PRO A 72 -11.21 -6.91 1.75
CA PRO A 72 -11.47 -8.36 1.73
C PRO A 72 -11.59 -8.99 3.13
N THR A 73 -12.78 -9.48 3.45
CA THR A 73 -13.10 -10.11 4.75
C THR A 73 -12.99 -9.15 5.95
N MET A 74 -12.69 -7.87 5.70
CA MET A 74 -12.64 -6.88 6.78
C MET A 74 -13.61 -5.72 6.53
N MET A 75 -14.26 -5.25 7.59
CA MET A 75 -15.30 -4.23 7.47
C MET A 75 -14.85 -2.85 7.95
N LEU A 76 -14.94 -1.85 7.08
CA LEU A 76 -14.77 -0.46 7.50
C LEU A 76 -16.12 0.18 7.82
N TYR A 77 -16.24 0.74 9.01
CA TYR A 77 -17.49 1.31 9.50
C TYR A 77 -17.76 2.73 9.03
N SER A 78 -18.81 2.89 8.22
CA SER A 78 -19.34 4.21 7.90
C SER A 78 -20.52 4.47 8.86
N GLY A 79 -20.29 5.34 9.84
CA GLY A 79 -21.27 5.54 10.89
C GLY A 79 -21.34 6.97 11.41
N ARG A 80 -22.47 7.28 12.03
CA ARG A 80 -22.70 8.60 12.62
C ARG A 80 -23.42 8.46 13.94
N SER A 81 -22.85 9.04 14.99
CA SER A 81 -23.49 9.09 16.29
C SER A 81 -23.04 10.34 17.03
N GLN A 82 -24.00 11.19 17.38
CA GLN A 82 -23.70 12.43 18.08
C GLN A 82 -23.30 12.18 19.53
N ASP A 83 -23.73 11.05 20.07
CA ASP A 83 -23.29 10.60 21.39
C ASP A 83 -21.91 9.96 21.30
N GLY A 84 -21.53 9.55 20.09
CA GLY A 84 -20.27 8.86 19.86
C GLY A 84 -20.45 7.36 20.07
N SER A 85 -21.66 6.87 19.80
CA SER A 85 -21.99 5.46 19.95
C SER A 85 -21.26 4.61 18.92
N HIS A 86 -21.05 5.17 17.74
CA HIS A 86 -20.41 4.45 16.63
C HIS A 86 -18.95 4.18 16.92
N LEU A 87 -18.34 5.05 17.73
CA LEU A 87 -16.93 4.93 18.09
C LEU A 87 -16.68 3.75 18.99
N LEU A 88 -17.65 3.49 19.87
CA LEU A 88 -17.59 2.34 20.76
C LEU A 88 -17.82 1.03 20.01
N LYS A 89 -18.75 1.04 19.06
CA LYS A 89 -19.03 -0.14 18.28
C LYS A 89 -17.83 -0.48 17.38
N SER A 90 -17.25 0.55 16.76
CA SER A 90 -16.06 0.36 15.94
C SER A 90 -14.86 -0.07 16.77
N GLY A 91 -14.71 0.53 17.95
CA GLY A 91 -13.62 0.22 18.85
C GLY A 91 -13.67 -1.23 19.30
N ARG A 92 -14.87 -1.70 19.60
CA ARG A 92 -15.05 -3.08 20.06
C ARG A 92 -14.83 -4.08 18.91
N TYR A 93 -15.15 -3.67 17.69
CA TYR A 93 -14.86 -4.49 16.52
C TYR A 93 -13.36 -4.61 16.31
N LEU A 94 -12.70 -3.47 16.24
CA LEU A 94 -11.25 -3.40 16.08
C LEU A 94 -10.53 -4.21 17.18
N GLN A 95 -11.08 -4.21 18.37
CA GLN A 95 -10.44 -4.88 19.48
C GLN A 95 -10.53 -6.42 19.39
N GLN A 96 -11.59 -6.93 18.75
CA GLN A 96 -11.73 -8.36 18.55
C GLN A 96 -10.97 -8.84 17.31
N GLU A 97 -10.87 -7.97 16.31
CA GLU A 97 -10.32 -8.33 15.00
C GLU A 97 -8.79 -8.27 14.97
N LEU A 98 -8.20 -7.26 15.62
CA LEU A 98 -6.75 -7.09 15.57
C LEU A 98 -5.92 -8.27 16.11
N PRO A 99 -6.24 -8.76 17.33
CA PRO A 99 -5.46 -9.87 17.88
C PRO A 99 -5.51 -11.12 16.99
N VAL A 100 -6.69 -11.41 16.46
CA VAL A 100 -6.86 -12.56 15.60
C VAL A 100 -5.97 -12.44 14.35
N ARG A 101 -5.92 -11.24 13.78
CA ARG A 101 -5.12 -11.05 12.59
C ARG A 101 -3.61 -10.93 12.90
N ILE A 102 -3.27 -10.42 14.08
CA ILE A 102 -1.86 -10.40 14.44
C ILE A 102 -1.37 -11.84 14.67
N ALA A 103 -2.22 -12.66 15.28
CA ALA A 103 -1.87 -14.08 15.50
C ALA A 103 -1.59 -14.82 14.18
N HIS A 104 -2.40 -14.54 13.15
CA HIS A 104 -2.17 -15.08 11.81
C HIS A 104 -0.82 -14.66 11.26
N ARG A 105 -0.40 -13.43 11.56
CA ARG A 105 0.93 -13.01 11.19
C ARG A 105 1.99 -13.77 11.97
N ILE A 106 1.74 -14.03 13.26
CA ILE A 106 2.69 -14.82 14.03
C ILE A 106 2.85 -16.23 13.41
N LYS A 107 1.75 -16.87 13.02
CA LYS A 107 1.84 -18.18 12.37
C LYS A 107 2.71 -18.15 11.12
N GLY A 108 2.55 -17.11 10.29
CA GLY A 108 3.39 -16.92 9.12
C GLY A 108 4.89 -16.97 9.42
N PHE A 109 5.30 -16.28 10.49
CA PHE A 109 6.70 -16.32 10.93
C PHE A 109 7.09 -17.70 11.47
N ARG A 110 6.14 -18.36 12.12
CA ARG A 110 6.40 -19.66 12.71
C ARG A 110 6.64 -20.70 11.63
N SER A 111 6.05 -20.49 10.46
CA SER A 111 6.11 -21.50 9.42
C SER A 111 7.21 -21.20 8.42
N LEU A 112 7.94 -20.11 8.63
CA LEU A 112 9.12 -19.83 7.82
C LEU A 112 10.15 -20.95 7.93
N PRO A 113 10.86 -21.21 6.83
CA PRO A 113 12.01 -22.12 6.95
C PRO A 113 12.88 -21.65 8.11
N PHE A 114 13.26 -22.58 8.95
CA PHE A 114 14.08 -22.32 10.13
C PHE A 114 15.24 -21.35 9.89
N ILE A 115 16.04 -21.60 8.85
CA ILE A 115 17.26 -20.84 8.58
C ILE A 115 16.96 -19.35 8.31
N ILE A 116 15.86 -19.09 7.61
CA ILE A 116 15.39 -17.73 7.40
C ILE A 116 14.77 -17.12 8.66
N GLY A 117 13.86 -17.86 9.30
CA GLY A 117 13.26 -17.44 10.54
C GLY A 117 14.28 -17.11 11.62
N CYS A 118 15.52 -17.57 11.43
CA CYS A 118 16.58 -17.36 12.42
C CYS A 118 17.34 -16.05 12.23
N ASN A 119 17.28 -15.50 11.03
CA ASN A 119 17.86 -14.21 10.73
C ASN A 119 17.44 -13.19 11.79
N PRO A 120 18.43 -12.47 12.36
CA PRO A 120 18.22 -11.53 13.47
C PRO A 120 17.18 -10.41 13.20
N THR A 121 17.09 -9.94 11.97
CA THR A 121 16.10 -8.90 11.60
C THR A 121 14.71 -9.49 11.39
N ILE A 122 14.65 -10.65 10.74
CA ILE A 122 13.40 -11.39 10.63
C ILE A 122 12.89 -11.72 12.04
N LEU A 123 13.81 -12.14 12.91
CA LEU A 123 13.45 -12.49 14.28
C LEU A 123 12.93 -11.26 15.02
N HIS A 124 13.55 -10.12 14.79
CA HIS A 124 13.11 -8.87 15.39
C HIS A 124 11.66 -8.52 14.99
N VAL A 125 11.34 -8.62 13.70
CA VAL A 125 10.00 -8.33 13.22
C VAL A 125 9.01 -9.32 13.81
N HIS A 126 9.44 -10.58 13.90
CA HIS A 126 8.66 -11.65 14.51
C HIS A 126 8.32 -11.24 15.95
N GLU A 127 9.33 -10.73 16.65
CA GLU A 127 9.15 -10.26 18.02
C GLU A 127 8.25 -9.02 18.15
N LEU A 128 8.26 -8.12 17.16
CA LEU A 128 7.30 -7.01 17.18
C LEU A 128 5.86 -7.54 17.22
N TYR A 129 5.58 -8.50 16.36
CA TYR A 129 4.24 -9.06 16.30
C TYR A 129 3.77 -9.74 17.59
N ILE A 130 4.63 -10.56 18.19
CA ILE A 130 4.31 -11.15 19.48
C ILE A 130 4.01 -10.05 20.50
N ARG A 131 4.92 -9.08 20.60
CA ARG A 131 4.72 -7.92 21.45
C ARG A 131 3.39 -7.20 21.16
N ALA A 132 3.07 -7.01 19.89
CA ALA A 132 1.82 -6.37 19.50
C ALA A 132 0.65 -7.17 20.02
N PHE A 133 0.68 -8.48 19.75
CA PHE A 133 -0.35 -9.39 20.21
C PHE A 133 -0.47 -9.41 21.75
N GLN A 134 0.64 -9.26 22.46
CA GLN A 134 0.55 -9.24 23.92
C GLN A 134 -0.18 -7.99 24.42
N LYS A 135 0.31 -6.83 24.00
CA LYS A 135 -0.29 -5.55 24.38
C LYS A 135 -1.77 -5.50 23.97
N LEU A 136 -2.08 -5.99 22.78
CA LEU A 136 -3.47 -6.02 22.33
C LEU A 136 -4.38 -6.92 23.17
N THR A 137 -3.92 -8.13 23.47
CA THR A 137 -4.76 -9.05 24.22
C THR A 137 -4.81 -8.64 25.70
N ASP A 138 -3.78 -7.94 26.15
CA ASP A 138 -3.75 -7.45 27.53
C ASP A 138 -4.71 -6.28 27.73
N PHE A 139 -5.06 -5.56 26.68
CA PHE A 139 -5.99 -4.46 26.85
C PHE A 139 -7.35 -5.03 27.25
N PRO A 140 -7.96 -4.47 28.30
CA PRO A 140 -9.23 -5.04 28.77
C PRO A 140 -10.34 -4.70 27.79
N PRO A 141 -11.48 -5.38 27.88
CA PRO A 141 -12.57 -5.04 26.95
C PRO A 141 -13.01 -3.58 27.11
N ILE A 142 -13.64 -3.05 26.08
CA ILE A 142 -14.07 -1.66 26.07
C ILE A 142 -15.54 -1.59 26.46
N LYS A 143 -15.82 -0.90 27.57
CA LYS A 143 -17.18 -0.77 28.07
C LYS A 143 -17.66 0.68 28.10
N ASP A 144 -16.79 1.62 27.72
CA ASP A 144 -17.17 3.03 27.66
C ASP A 144 -16.23 3.85 26.76
N GLN A 145 -16.58 5.12 26.55
CA GLN A 145 -15.80 6.00 25.69
C GLN A 145 -14.35 6.15 26.15
N ALA A 146 -14.17 6.17 27.47
CA ALA A 146 -12.86 6.40 28.05
C ALA A 146 -11.91 5.25 27.75
N ASP A 147 -12.41 4.02 27.78
CA ASP A 147 -11.59 2.89 27.37
C ASP A 147 -11.18 3.05 25.92
N GLU A 148 -12.19 3.25 25.06
CA GLU A 148 -11.95 3.37 23.63
C GLU A 148 -10.86 4.41 23.36
N ALA A 149 -10.88 5.51 24.11
CA ALA A 149 -9.89 6.58 23.91
C ALA A 149 -8.45 6.09 24.15
N GLN A 150 -8.21 5.44 25.28
CA GLN A 150 -6.89 4.87 25.57
C GLN A 150 -6.53 3.74 24.59
N TYR A 151 -7.51 2.91 24.23
CA TYR A 151 -7.27 1.89 23.22
C TYR A 151 -6.66 2.52 21.96
N CYS A 152 -7.22 3.67 21.56
CA CYS A 152 -6.73 4.40 20.41
C CYS A 152 -5.27 4.76 20.58
N GLN A 153 -4.90 5.18 21.80
CA GLN A 153 -3.51 5.52 22.10
C GLN A 153 -2.61 4.31 21.85
N LEU A 154 -3.02 3.13 22.31
CA LEU A 154 -2.26 1.92 22.07
C LEU A 154 -2.14 1.68 20.56
N VAL A 155 -3.28 1.65 19.87
CA VAL A 155 -3.27 1.38 18.45
C VAL A 155 -2.35 2.34 17.68
N ARG A 156 -2.42 3.62 18.05
CA ARG A 156 -1.52 4.62 17.47
CA ARG A 156 -1.53 4.65 17.52
C ARG A 156 -0.04 4.27 17.71
N GLN A 157 0.32 3.91 18.94
CA GLN A 157 1.69 3.51 19.27
C GLN A 157 2.15 2.30 18.43
N LEU A 158 1.28 1.29 18.33
CA LEU A 158 1.57 0.13 17.49
C LEU A 158 1.78 0.50 16.00
N LEU A 159 0.89 1.33 15.44
CA LEU A 159 1.06 1.72 14.03
C LEU A 159 2.43 2.35 13.78
N ASP A 160 2.91 3.15 14.73
CA ASP A 160 4.23 3.76 14.66
C ASP A 160 5.38 2.77 14.88
N ASP A 161 5.26 1.92 15.90
CA ASP A 161 6.24 0.87 16.12
C ASP A 161 6.43 -0.02 14.89
N HIS A 162 5.35 -0.25 14.17
CA HIS A 162 5.38 -1.12 13.01
C HIS A 162 5.57 -0.40 11.67
N LYS A 163 5.99 0.86 11.70
CA LYS A 163 5.98 1.64 10.44
C LYS A 163 7.07 1.21 9.46
N ASP A 164 8.17 0.69 9.99
CA ASP A 164 9.33 0.25 9.19
C ASP A 164 9.29 -1.24 8.79
N VAL A 165 8.21 -1.95 9.10
CA VAL A 165 8.19 -3.39 8.95
C VAL A 165 8.55 -3.90 7.54
N VAL A 166 7.92 -3.34 6.51
CA VAL A 166 8.23 -3.66 5.12
C VAL A 166 9.73 -3.57 4.84
N THR A 167 10.36 -2.57 5.43
CA THR A 167 11.76 -2.30 5.17
C THR A 167 12.64 -3.30 5.89
N LEU A 168 12.30 -3.60 7.13
CA LEU A 168 12.97 -4.62 7.92
C LEU A 168 12.91 -6.02 7.28
N LEU A 169 11.76 -6.34 6.69
CA LEU A 169 11.58 -7.63 6.03
C LEU A 169 12.47 -7.72 4.80
N ALA A 170 12.43 -6.69 3.96
CA ALA A 170 13.21 -6.66 2.73
C ALA A 170 14.70 -6.80 3.04
N GLU A 171 15.13 -6.24 4.17
CA GLU A 171 16.51 -6.35 4.62
C GLU A 171 16.85 -7.72 5.15
N GLY A 172 16.01 -8.20 6.08
CA GLY A 172 16.23 -9.50 6.69
C GLY A 172 16.33 -10.60 5.63
N LEU A 173 15.50 -10.50 4.61
CA LEU A 173 15.47 -11.50 3.55
C LEU A 173 16.64 -11.38 2.58
N ARG A 174 17.19 -10.18 2.41
CA ARG A 174 18.38 -10.00 1.59
C ARG A 174 19.60 -10.63 2.26
N GLU A 175 19.74 -10.40 3.56
CA GLU A 175 20.80 -11.03 4.33
C GLU A 175 20.67 -12.54 4.19
N SER A 176 19.45 -12.97 3.90
CA SER A 176 19.06 -14.37 3.94
C SER A 176 18.94 -15.01 2.54
N ARG A 177 19.36 -14.27 1.50
CA ARG A 177 19.21 -14.70 0.11
C ARG A 177 19.82 -16.07 -0.21
N LYS A 178 21.05 -16.30 0.23
CA LYS A 178 21.79 -17.52 -0.08
C LYS A 178 21.10 -18.78 0.41
N HIS A 179 20.38 -18.66 1.52
CA HIS A 179 19.77 -19.81 2.16
C HIS A 179 18.38 -20.11 1.61
N ILE A 180 17.93 -19.28 0.69
CA ILE A 180 16.61 -19.46 0.09
C ILE A 180 16.65 -20.56 -0.96
N GLU A 181 15.93 -21.65 -0.69
CA GLU A 181 15.86 -22.77 -1.62
C GLU A 181 14.58 -22.71 -2.44
N ASP A 182 13.45 -22.57 -1.75
CA ASP A 182 12.15 -22.45 -2.41
C ASP A 182 11.67 -21.00 -2.45
N GLU A 183 11.61 -20.43 -3.65
CA GLU A 183 11.28 -19.02 -3.78
C GLU A 183 9.78 -18.75 -3.80
N LYS A 184 9.00 -19.74 -4.22
CA LYS A 184 7.54 -19.62 -4.15
C LYS A 184 7.05 -19.59 -2.70
N LEU A 185 7.86 -20.12 -1.80
CA LEU A 185 7.48 -20.23 -0.38
C LEU A 185 7.61 -18.88 0.31
N VAL A 186 8.76 -18.25 0.10
CA VAL A 186 9.07 -16.92 0.63
C VAL A 186 8.22 -15.86 -0.04
N ARG A 187 8.11 -15.93 -1.36
CA ARG A 187 7.27 -14.99 -2.09
C ARG A 187 5.84 -15.04 -1.53
N TYR A 188 5.39 -16.24 -1.17
CA TYR A 188 4.05 -16.37 -0.62
C TYR A 188 3.96 -15.72 0.77
N PHE A 189 5.00 -15.92 1.57
CA PHE A 189 5.07 -15.33 2.90
C PHE A 189 5.02 -13.79 2.83
N LEU A 190 5.86 -13.20 1.99
CA LEU A 190 5.86 -11.76 1.78
C LEU A 190 4.51 -11.22 1.33
N ASP A 191 3.92 -11.85 0.32
CA ASP A 191 2.63 -11.39 -0.19
C ASP A 191 1.59 -11.38 0.91
N LYS A 192 1.54 -12.48 1.68
CA LYS A 192 0.52 -12.67 2.70
C LYS A 192 0.74 -11.71 3.87
N THR A 193 2.01 -11.51 4.20
CA THR A 193 2.37 -10.65 5.30
C THR A 193 2.10 -9.18 4.95
N LEU A 194 2.72 -8.71 3.88
CA LEU A 194 2.57 -7.33 3.41
C LEU A 194 1.10 -6.94 3.13
N THR A 195 0.33 -7.82 2.50
CA THR A 195 -1.06 -7.49 2.19
C THR A 195 -1.99 -7.55 3.42
N SER A 196 -1.74 -8.47 4.34
CA SER A 196 -2.48 -8.51 5.59
C SER A 196 -2.17 -7.27 6.41
N ARG A 197 -0.89 -6.92 6.44
CA ARG A 197 -0.42 -5.74 7.14
C ARG A 197 -1.16 -4.52 6.66
N LEU A 198 -1.31 -4.39 5.35
CA LEU A 198 -2.03 -3.28 4.73
C LEU A 198 -3.49 -3.23 5.21
N GLY A 199 -4.19 -4.33 5.05
CA GLY A 199 -5.56 -4.44 5.55
C GLY A 199 -5.68 -4.06 7.02
N ILE A 200 -4.79 -4.59 7.85
CA ILE A 200 -4.77 -4.26 9.29
C ILE A 200 -4.54 -2.77 9.52
N ARG A 201 -3.63 -2.17 8.76
CA ARG A 201 -3.35 -0.76 8.92
C ARG A 201 -4.49 0.14 8.42
N MET A 202 -5.24 -0.33 7.42
CA MET A 202 -6.37 0.45 6.91
C MET A 202 -7.48 0.46 7.97
N LEU A 203 -7.78 -0.72 8.49
CA LEU A 203 -8.80 -0.91 9.51
C LEU A 203 -8.47 -0.10 10.75
N ALA A 204 -7.21 -0.17 11.20
CA ALA A 204 -6.78 0.59 12.37
C ALA A 204 -6.84 2.09 12.12
N THR A 205 -6.27 2.52 11.01
CA THR A 205 -6.25 3.95 10.65
C THR A 205 -7.67 4.49 10.46
N HIS A 206 -8.54 3.67 9.86
CA HIS A 206 -9.93 4.04 9.72
C HIS A 206 -10.56 4.35 11.07
N HIS A 207 -10.35 3.47 12.05
CA HIS A 207 -10.95 3.68 13.34
C HIS A 207 -10.47 4.99 13.96
N LEU A 208 -9.18 5.24 13.94
CA LEU A 208 -8.63 6.49 14.44
C LEU A 208 -9.25 7.68 13.70
N ALA A 209 -9.35 7.57 12.38
CA ALA A 209 -9.81 8.69 11.57
C ALA A 209 -11.28 9.00 11.84
N LEU A 210 -12.00 8.05 12.44
CA LEU A 210 -13.39 8.31 12.83
C LEU A 210 -13.46 9.33 13.96
N HIS A 211 -12.35 9.54 14.66
CA HIS A 211 -12.28 10.56 15.71
C HIS A 211 -12.11 11.94 15.09
N GLU A 212 -11.64 11.98 13.85
CA GLU A 212 -11.43 13.27 13.17
C GLU A 212 -12.75 13.83 12.64
N ASP A 213 -12.77 15.15 12.45
CA ASP A 213 -13.98 15.87 12.06
C ASP A 213 -13.82 16.41 10.65
N LYS A 214 -12.76 15.98 9.97
CA LYS A 214 -12.46 16.43 8.61
C LYS A 214 -13.57 16.13 7.61
N PRO A 215 -13.90 17.13 6.77
CA PRO A 215 -14.91 17.08 5.71
C PRO A 215 -14.50 16.26 4.50
N ASP A 216 -15.48 15.70 3.81
CA ASP A 216 -15.24 14.83 2.66
C ASP A 216 -14.49 13.58 3.05
N PHE A 217 -14.67 13.16 4.30
CA PHE A 217 -14.03 11.97 4.83
C PHE A 217 -14.91 11.27 5.86
N VAL A 218 -15.19 10.00 5.61
CA VAL A 218 -15.74 9.14 6.66
C VAL A 218 -14.63 8.16 7.04
N GLY A 219 -13.87 8.51 8.08
CA GLY A 219 -12.70 7.77 8.46
C GLY A 219 -11.60 7.97 7.43
N ILE A 220 -11.21 6.90 6.75
CA ILE A 220 -10.23 7.02 5.68
C ILE A 220 -10.89 6.97 4.30
N ILE A 221 -12.20 6.76 4.28
CA ILE A 221 -12.95 6.80 3.04
C ILE A 221 -13.19 8.24 2.66
N CYS A 222 -12.64 8.66 1.52
CA CYS A 222 -12.88 9.99 0.99
C CYS A 222 -14.15 9.88 0.18
N THR A 223 -15.11 10.74 0.47
CA THR A 223 -16.40 10.64 -0.21
C THR A 223 -16.39 11.24 -1.61
N ARG A 224 -15.45 12.14 -1.89
CA ARG A 224 -15.42 12.83 -3.17
C ARG A 224 -13.99 12.89 -3.73
N LEU A 225 -13.41 11.71 -3.91
CA LEU A 225 -12.02 11.56 -4.35
C LEU A 225 -11.83 11.76 -5.86
N SER A 226 -10.92 12.66 -6.19
CA SER A 226 -10.56 12.93 -7.57
C SER A 226 -9.28 12.18 -7.89
N PRO A 227 -9.36 11.18 -8.79
CA PRO A 227 -8.15 10.43 -9.15
C PRO A 227 -7.11 11.37 -9.72
N LYS A 228 -7.55 12.35 -10.48
CA LYS A 228 -6.64 13.33 -11.07
C LYS A 228 -5.88 14.05 -9.96
N LYS A 229 -6.62 14.50 -8.95
CA LYS A 229 -6.02 15.20 -7.83
C LYS A 229 -4.98 14.35 -7.10
N ILE A 230 -5.34 13.12 -6.75
CA ILE A 230 -4.41 12.31 -6.00
C ILE A 230 -3.21 11.89 -6.85
N ILE A 231 -3.40 11.79 -8.16
CA ILE A 231 -2.30 11.51 -9.08
C ILE A 231 -1.36 12.71 -9.15
N GLU A 232 -1.94 13.91 -9.25
CA GLU A 232 -1.16 15.15 -9.27
C GLU A 232 -0.27 15.35 -8.06
N LYS A 233 -0.76 14.96 -6.88
CA LYS A 233 0.00 15.09 -5.65
C LYS A 233 1.21 14.17 -5.69
N TRP A 234 1.01 12.95 -6.16
CA TRP A 234 2.13 12.02 -6.27
C TRP A 234 3.06 12.33 -7.43
N VAL A 235 2.57 13.05 -8.44
CA VAL A 235 3.38 13.51 -9.55
C VAL A 235 4.37 14.57 -9.08
N ASP A 236 3.85 15.58 -8.38
CA ASP A 236 4.71 16.63 -7.79
C ASP A 236 5.78 16.01 -6.91
N PHE A 237 5.39 15.05 -6.09
CA PHE A 237 6.30 14.34 -5.23
C PHE A 237 7.41 13.62 -6.03
N ALA A 238 7.01 12.77 -6.98
CA ALA A 238 7.97 12.02 -7.80
C ALA A 238 8.83 12.93 -8.68
N ARG A 239 8.23 14.00 -9.20
CA ARG A 239 8.98 14.99 -9.97
C ARG A 239 10.12 15.60 -9.18
N ARG A 240 9.86 15.94 -7.91
CA ARG A 240 10.88 16.55 -7.06
C ARG A 240 12.06 15.60 -6.85
N LEU A 241 11.76 14.36 -6.48
CA LEU A 241 12.81 13.35 -6.31
C LEU A 241 13.63 13.20 -7.59
N CYS A 242 12.94 13.15 -8.71
CA CYS A 242 13.58 13.01 -10.00
C CYS A 242 14.43 14.23 -10.37
N GLU A 243 13.87 15.43 -10.24
CA GLU A 243 14.64 16.65 -10.51
C GLU A 243 15.89 16.73 -9.63
N HIS A 244 15.81 16.24 -8.41
CA HIS A 244 16.95 16.26 -7.52
C HIS A 244 18.05 15.29 -7.94
N LYS A 245 17.67 14.18 -8.58
CA LYS A 245 18.65 13.18 -9.01
C LYS A 245 19.17 13.37 -10.43
N TYR A 246 18.34 13.89 -11.33
CA TYR A 246 18.74 14.00 -12.72
C TYR A 246 18.80 15.45 -13.17
N GLY A 247 18.34 16.35 -12.30
CA GLY A 247 18.33 17.77 -12.61
C GLY A 247 17.18 18.14 -13.52
N ASN A 248 16.34 17.17 -13.84
CA ASN A 248 15.10 17.41 -14.55
C ASN A 248 14.13 16.26 -14.32
N ALA A 249 12.93 16.37 -14.86
CA ALA A 249 11.93 15.31 -14.72
C ALA A 249 10.92 15.41 -15.87
N PRO A 250 10.35 14.28 -16.28
CA PRO A 250 9.42 14.33 -17.40
C PRO A 250 8.15 15.07 -17.03
N ARG A 251 7.64 15.89 -17.94
CA ARG A 251 6.32 16.46 -17.77
C ARG A 251 5.34 15.29 -17.78
N VAL A 252 4.32 15.38 -16.94
CA VAL A 252 3.28 14.37 -16.89
C VAL A 252 1.98 14.94 -17.45
N ARG A 253 1.36 14.21 -18.37
CA ARG A 253 0.06 14.59 -18.89
C ARG A 253 -1.00 13.60 -18.45
N ILE A 254 -2.16 14.11 -18.08
CA ILE A 254 -3.23 13.26 -17.62
C ILE A 254 -4.41 13.38 -18.56
N ASN A 255 -4.92 12.26 -19.05
CA ASN A 255 -6.10 12.29 -19.89
C ASN A 255 -7.15 11.25 -19.48
N GLY A 256 -8.25 11.19 -20.22
CA GLY A 256 -9.36 10.33 -19.90
C GLY A 256 -10.34 11.04 -18.97
N HIS A 257 -10.81 10.31 -17.97
CA HIS A 257 -11.84 10.81 -17.07
C HIS A 257 -11.30 11.74 -15.99
N VAL A 258 -10.64 12.81 -16.42
CA VAL A 258 -9.99 13.75 -15.52
C VAL A 258 -10.94 14.49 -14.58
N ALA A 259 -12.25 14.37 -14.77
CA ALA A 259 -13.20 15.09 -13.92
C ALA A 259 -13.95 14.19 -12.94
N ALA A 260 -13.63 12.91 -12.99
CA ALA A 260 -14.29 11.90 -12.17
C ALA A 260 -14.09 12.13 -10.68
N ARG A 261 -15.16 11.90 -9.92
CA ARG A 261 -15.11 11.96 -8.47
C ARG A 261 -16.05 10.89 -7.91
N PHE A 262 -15.61 10.18 -6.88
CA PHE A 262 -16.40 9.09 -6.33
C PHE A 262 -15.78 8.71 -5.01
N PRO A 263 -16.58 8.16 -4.10
CA PRO A 263 -15.99 7.63 -2.86
C PRO A 263 -14.90 6.63 -3.19
N PHE A 264 -13.88 6.59 -2.35
CA PHE A 264 -12.72 5.74 -2.57
C PHE A 264 -11.79 5.89 -1.37
N ILE A 265 -11.01 4.85 -1.07
CA ILE A 265 -10.01 4.92 -0.01
C ILE A 265 -8.62 5.24 -0.58
N PRO A 266 -8.15 6.46 -0.33
CA PRO A 266 -6.85 7.01 -0.76
C PRO A 266 -5.66 6.10 -0.49
N MET A 267 -5.63 5.44 0.68
CA MET A 267 -4.42 4.77 1.18
C MET A 267 -3.70 3.88 0.16
N PRO A 268 -4.41 2.91 -0.44
CA PRO A 268 -3.72 2.05 -1.41
C PRO A 268 -3.08 2.84 -2.54
N LEU A 269 -3.79 3.82 -3.09
CA LEU A 269 -3.22 4.75 -4.07
C LEU A 269 -1.98 5.47 -3.53
N ASP A 270 -2.01 5.86 -2.26
CA ASP A 270 -0.85 6.53 -1.64
C ASP A 270 0.40 5.64 -1.59
N TYR A 271 0.27 4.32 -1.52
CA TYR A 271 1.48 3.53 -1.63
CA TYR A 271 1.41 3.43 -1.59
C TYR A 271 1.85 3.30 -3.06
N ILE A 272 0.91 2.77 -3.85
CA ILE A 272 1.13 2.36 -5.23
C ILE A 272 1.61 3.47 -6.19
N LEU A 273 0.85 4.55 -6.30
CA LEU A 273 1.17 5.58 -7.29
C LEU A 273 2.61 6.09 -7.26
N PRO A 274 3.11 6.47 -6.06
CA PRO A 274 4.48 7.00 -6.02
C PRO A 274 5.51 6.01 -6.54
N GLU A 275 5.32 4.73 -6.28
CA GLU A 275 6.18 3.69 -6.84
C GLU A 275 6.14 3.70 -8.38
N LEU A 276 4.93 3.70 -8.94
CA LEU A 276 4.75 3.60 -10.39
C LEU A 276 5.28 4.86 -11.03
N LEU A 277 5.01 5.99 -10.39
CA LEU A 277 5.49 7.28 -10.90
C LEU A 277 7.01 7.37 -10.85
N LYS A 278 7.62 6.85 -9.79
CA LYS A 278 9.07 6.86 -9.69
C LYS A 278 9.70 6.04 -10.81
N ASN A 279 9.18 4.83 -11.03
CA ASN A 279 9.66 3.99 -12.13
C ASN A 279 9.55 4.63 -13.51
N ALA A 280 8.37 5.15 -13.84
CA ALA A 280 8.12 5.74 -15.15
C ALA A 280 9.08 6.90 -15.40
N MET A 281 9.33 7.68 -14.35
CA MET A 281 10.25 8.82 -14.44
C MET A 281 11.74 8.42 -14.48
N ARG A 282 12.13 7.47 -13.63
CA ARG A 282 13.49 6.92 -13.67
C ARG A 282 13.83 6.37 -15.06
N ALA A 283 13.03 5.42 -15.51
CA ALA A 283 13.19 4.81 -16.83
C ALA A 283 13.28 5.86 -17.95
N THR A 284 12.46 6.90 -17.86
CA THR A 284 12.52 7.97 -18.85
C THR A 284 13.89 8.69 -18.82
N MET A 285 14.38 9.02 -17.63
CA MET A 285 15.66 9.71 -17.52
C MET A 285 16.85 8.82 -17.89
N GLU A 286 16.84 7.58 -17.41
CA GLU A 286 17.93 6.64 -17.67
C GLU A 286 18.15 6.35 -19.15
N SER A 287 17.13 6.56 -19.96
CA SER A 287 17.23 6.32 -21.40
C SER A 287 17.37 7.62 -22.18
N HIS A 288 17.45 8.73 -21.48
CA HIS A 288 17.68 10.01 -22.15
C HIS A 288 18.80 10.81 -21.49
N LEU A 289 19.81 10.10 -20.99
CA LEU A 289 20.96 10.72 -20.33
C LEU A 289 21.55 11.86 -21.15
N ASP A 290 21.59 11.71 -22.47
CA ASP A 290 22.14 12.74 -23.35
C ASP A 290 21.34 14.03 -23.34
N THR A 291 20.03 13.91 -23.19
CA THR A 291 19.17 15.09 -23.29
C THR A 291 18.20 15.21 -22.11
N PRO A 292 18.74 15.45 -20.90
CA PRO A 292 17.81 15.45 -19.76
C PRO A 292 16.89 16.67 -19.77
N TYR A 293 17.32 17.72 -20.45
CA TYR A 293 16.56 18.96 -20.56
C TYR A 293 15.37 18.75 -21.47
N ASN A 294 15.37 17.63 -22.18
CA ASN A 294 14.28 17.32 -23.10
C ASN A 294 13.99 15.82 -23.24
N VAL A 295 12.98 15.36 -22.52
CA VAL A 295 12.63 13.96 -22.47
C VAL A 295 11.15 13.80 -22.77
N PRO A 296 10.75 12.61 -23.27
CA PRO A 296 9.34 12.28 -23.54
C PRO A 296 8.47 12.43 -22.29
N ASP A 297 7.27 12.98 -22.46
CA ASP A 297 6.30 13.03 -21.38
C ASP A 297 5.89 11.65 -20.88
N VAL A 298 5.47 11.60 -19.62
CA VAL A 298 4.78 10.45 -19.07
C VAL A 298 3.29 10.71 -19.20
N VAL A 299 2.56 9.74 -19.76
CA VAL A 299 1.16 9.97 -20.07
C VAL A 299 0.29 9.08 -19.22
N ILE A 300 -0.52 9.71 -18.38
CA ILE A 300 -1.39 8.95 -17.51
C ILE A 300 -2.83 9.03 -17.99
N THR A 301 -3.49 7.87 -18.07
CA THR A 301 -4.87 7.82 -18.54
C THR A 301 -5.78 7.25 -17.46
N ILE A 302 -6.86 7.97 -17.16
CA ILE A 302 -7.81 7.55 -16.15
C ILE A 302 -9.09 7.05 -16.82
N ALA A 303 -9.47 5.82 -16.52
CA ALA A 303 -10.72 5.25 -16.99
C ALA A 303 -11.59 4.87 -15.81
N ASN A 304 -12.72 5.57 -15.69
CA ASN A 304 -13.66 5.33 -14.61
C ASN A 304 -14.98 4.72 -15.11
N ASN A 305 -15.30 3.53 -14.61
CA ASN A 305 -16.55 2.86 -14.94
C ASN A 305 -17.22 2.35 -13.65
N ASP A 306 -18.33 1.64 -13.76
CA ASP A 306 -19.07 1.22 -12.56
C ASP A 306 -18.43 0.06 -11.80
N VAL A 307 -17.53 -0.67 -12.44
CA VAL A 307 -16.89 -1.81 -11.79
C VAL A 307 -15.60 -1.39 -11.11
N ASP A 308 -14.73 -0.73 -11.85
CA ASP A 308 -13.43 -0.36 -11.31
C ASP A 308 -12.87 0.96 -11.84
N LEU A 309 -11.72 1.34 -11.30
CA LEU A 309 -10.98 2.50 -11.75
C LEU A 309 -9.72 1.94 -12.34
N ILE A 310 -9.38 2.41 -13.54
CA ILE A 310 -8.13 2.02 -14.20
C ILE A 310 -7.25 3.24 -14.37
N ILE A 311 -6.01 3.14 -13.93
CA ILE A 311 -5.05 4.19 -14.17
C ILE A 311 -3.91 3.63 -15.01
N ARG A 312 -3.84 4.04 -16.27
CA ARG A 312 -2.72 3.59 -17.11
C ARG A 312 -1.61 4.63 -17.06
N ILE A 313 -0.40 4.16 -16.75
CA ILE A 313 0.78 5.01 -16.70
C ILE A 313 1.76 4.56 -17.78
N SER A 314 1.95 5.40 -18.80
CA SER A 314 2.79 5.08 -19.98
C SER A 314 4.06 5.93 -20.03
N ASP A 315 5.19 5.27 -20.20
CA ASP A 315 6.45 6.02 -20.38
C ASP A 315 7.13 5.62 -21.68
N ARG A 316 7.99 6.50 -22.18
CA ARG A 316 8.80 6.20 -23.36
C ARG A 316 10.24 5.92 -22.96
N GLY A 317 10.43 5.11 -21.93
CA GLY A 317 11.75 4.86 -21.36
C GLY A 317 12.51 3.65 -21.89
N GLY A 318 12.04 3.08 -23.00
CA GLY A 318 12.76 2.00 -23.68
C GLY A 318 12.27 0.60 -23.36
N GLY A 319 11.33 0.51 -22.43
CA GLY A 319 10.76 -0.78 -22.05
C GLY A 319 11.57 -1.55 -21.02
N ILE A 320 10.94 -2.53 -20.40
CA ILE A 320 11.63 -3.53 -19.60
C ILE A 320 12.14 -4.63 -20.51
N ALA A 321 13.46 -4.85 -20.55
CA ALA A 321 14.08 -5.84 -21.44
C ALA A 321 13.55 -7.26 -21.22
N HIS A 322 13.41 -8.01 -22.31
CA HIS A 322 13.00 -9.40 -22.24
C HIS A 322 13.68 -10.20 -21.12
N LYS A 323 15.01 -10.14 -21.04
CA LYS A 323 15.73 -10.88 -20.01
C LYS A 323 15.32 -10.52 -18.56
N ASP A 324 14.82 -9.29 -18.37
CA ASP A 324 14.43 -8.82 -17.03
C ASP A 324 12.95 -8.96 -16.72
N LEU A 325 12.16 -9.41 -17.69
CA LEU A 325 10.71 -9.39 -17.54
C LEU A 325 10.18 -10.12 -16.31
N ASP A 326 10.79 -11.25 -15.97
CA ASP A 326 10.35 -12.03 -14.82
C ASP A 326 10.89 -11.46 -13.50
N ARG A 327 12.19 -11.16 -13.50
CA ARG A 327 12.84 -10.57 -12.33
C ARG A 327 12.18 -9.29 -11.81
N VAL A 328 11.42 -8.61 -12.67
CA VAL A 328 10.90 -7.29 -12.31
C VAL A 328 9.67 -7.33 -11.40
N MET A 329 8.86 -8.37 -11.53
CA MET A 329 7.63 -8.51 -10.75
C MET A 329 7.84 -9.27 -9.45
N ASP A 330 9.07 -9.73 -9.22
CA ASP A 330 9.41 -10.45 -8.01
C ASP A 330 10.29 -9.60 -7.10
N TYR A 331 10.36 -9.98 -5.83
CA TYR A 331 11.00 -9.15 -4.80
C TYR A 331 12.52 -9.12 -4.90
N GLY A 367 13.65 -1.89 -3.40
CA GLY A 367 12.39 -1.78 -4.10
C GLY A 367 12.30 -2.66 -5.33
N PHE A 368 11.47 -3.71 -5.31
CA PHE A 368 10.60 -4.09 -4.18
C PHE A 368 9.27 -3.28 -4.13
N GLY A 369 9.15 -2.27 -4.98
CA GLY A 369 7.94 -1.45 -5.04
C GLY A 369 6.88 -2.00 -5.99
N LEU A 370 7.31 -2.65 -7.07
CA LEU A 370 6.38 -3.25 -8.03
C LEU A 370 5.68 -4.51 -7.50
N PRO A 371 6.45 -5.44 -6.92
CA PRO A 371 5.84 -6.69 -6.46
C PRO A 371 4.93 -6.40 -5.26
N THR A 372 5.26 -5.36 -4.49
CA THR A 372 4.42 -4.99 -3.37
C THR A 372 3.13 -4.41 -3.89
N SER A 373 3.29 -3.47 -4.81
CA SER A 373 2.16 -2.80 -5.47
C SER A 373 1.17 -3.77 -6.09
N ARG A 374 1.67 -4.75 -6.85
CA ARG A 374 0.80 -5.78 -7.40
C ARG A 374 0.07 -6.57 -6.30
N ALA A 375 0.78 -6.96 -5.25
CA ALA A 375 0.14 -7.72 -4.17
C ALA A 375 -0.93 -6.87 -3.50
N TYR A 376 -0.65 -5.60 -3.27
CA TYR A 376 -1.69 -4.71 -2.73
C TYR A 376 -2.93 -4.63 -3.61
N ALA A 377 -2.70 -4.47 -4.92
CA ALA A 377 -3.78 -4.30 -5.87
C ALA A 377 -4.68 -5.52 -5.92
N GLU A 378 -4.08 -6.70 -5.90
CA GLU A 378 -4.86 -7.94 -5.94
C GLU A 378 -5.60 -8.17 -4.64
N TYR A 379 -4.94 -7.84 -3.56
CA TYR A 379 -5.52 -7.97 -2.24
C TYR A 379 -6.83 -7.19 -2.18
N LEU A 380 -6.85 -6.01 -2.78
CA LEU A 380 -8.04 -5.17 -2.79
C LEU A 380 -9.01 -5.56 -3.90
N GLY A 381 -8.69 -6.62 -4.64
CA GLY A 381 -9.55 -7.10 -5.70
C GLY A 381 -9.28 -6.44 -7.05
N GLY A 382 -8.14 -5.77 -7.18
CA GLY A 382 -7.76 -5.19 -8.46
C GLY A 382 -6.61 -5.96 -9.07
N SER A 383 -5.81 -5.28 -9.89
CA SER A 383 -4.63 -5.89 -10.49
C SER A 383 -3.62 -4.84 -10.91
N LEU A 384 -2.40 -5.30 -11.17
CA LEU A 384 -1.34 -4.46 -11.68
C LEU A 384 -0.64 -5.23 -12.80
N GLN A 385 -0.77 -4.76 -14.03
CA GLN A 385 -0.18 -5.45 -15.18
C GLN A 385 0.73 -4.54 -16.00
N LEU A 386 1.69 -5.18 -16.65
CA LEU A 386 2.74 -4.49 -17.37
C LEU A 386 2.73 -4.91 -18.82
N GLN A 387 2.87 -3.94 -19.71
CA GLN A 387 3.06 -4.20 -21.12
C GLN A 387 4.34 -3.51 -21.52
N SER A 388 5.36 -4.29 -21.82
CA SER A 388 6.64 -3.75 -22.21
C SER A 388 6.75 -3.72 -23.72
N LEU A 389 7.00 -2.53 -24.28
CA LEU A 389 7.43 -2.38 -25.68
C LEU A 389 8.95 -2.14 -25.77
N GLN A 390 9.70 -3.23 -25.84
CA GLN A 390 11.16 -3.18 -25.85
C GLN A 390 11.72 -2.35 -27.02
N GLY A 391 12.39 -1.27 -26.66
CA GLY A 391 12.92 -0.31 -27.60
C GLY A 391 12.15 1.01 -27.53
N ILE A 392 11.05 1.03 -26.79
CA ILE A 392 10.17 2.19 -26.80
C ILE A 392 9.74 2.66 -25.42
N GLY A 393 9.23 1.76 -24.61
CA GLY A 393 8.69 2.17 -23.34
C GLY A 393 7.85 1.09 -22.69
N THR A 394 7.11 1.47 -21.65
CA THR A 394 6.35 0.53 -20.84
C THR A 394 4.99 1.15 -20.51
N ASP A 395 3.95 0.32 -20.54
CA ASP A 395 2.63 0.71 -20.08
C ASP A 395 2.29 -0.10 -18.84
N VAL A 396 1.89 0.59 -17.77
CA VAL A 396 1.52 -0.05 -16.53
C VAL A 396 0.04 0.23 -16.24
N TYR A 397 -0.73 -0.83 -15.99
CA TYR A 397 -2.16 -0.70 -15.79
C TYR A 397 -2.54 -1.07 -14.36
N LEU A 398 -2.88 -0.05 -13.58
CA LEU A 398 -3.41 -0.23 -12.23
C LEU A 398 -4.93 -0.26 -12.25
N ARG A 399 -5.50 -1.37 -11.80
N ARG A 399 -5.50 -1.37 -11.79
CA ARG A 399 -6.95 -1.49 -11.66
CA ARG A 399 -6.95 -1.49 -11.66
C ARG A 399 -7.32 -1.68 -10.17
C ARG A 399 -7.33 -1.70 -10.19
N LEU A 400 -8.30 -0.90 -9.71
CA LEU A 400 -8.78 -0.99 -8.32
C LEU A 400 -10.31 -0.98 -8.35
N ARG A 401 -10.94 -1.97 -7.73
CA ARG A 401 -12.39 -2.06 -7.66
C ARG A 401 -13.02 -0.85 -6.98
N HIS A 402 -14.20 -0.47 -7.41
CA HIS A 402 -14.92 0.58 -6.69
C HIS A 402 -15.41 0.14 -5.33
N ILE A 403 -15.41 1.08 -4.39
CA ILE A 403 -15.87 0.82 -3.04
C ILE A 403 -17.35 0.45 -3.08
N ASP A 404 -17.69 -0.63 -2.39
CA ASP A 404 -19.06 -1.09 -2.29
C ASP A 404 -19.09 -2.42 -1.54
CL 03H B . -0.15 -5.31 11.09
C1 03H B . 1.70 -3.36 10.95
O1 03H B . 2.01 -2.19 10.84
C2 03H B . 0.41 -3.69 11.65
O2 03H B . 2.66 -4.28 10.90
C3 03H B . 0.66 -3.67 13.15
C4 03H B . -0.63 -3.65 13.96
C5 03H B . -0.34 -4.01 15.40
C6 03H B . -1.33 -2.29 13.90
#